data_2QHP
#
_entry.id   2QHP
#
_cell.length_a   81.300
_cell.length_b   152.540
_cell.length_c   50.970
_cell.angle_alpha   90.000
_cell.angle_beta   90.000
_cell.angle_gamma   90.000
#
_symmetry.space_group_name_H-M   'C 2 2 21'
#
loop_
_entity.id
_entity.type
_entity.pdbx_description
1 polymer Fructokinase
2 non-polymer 1,2-ETHANEDIOL
3 water water
#
_entity_poly.entity_id   1
_entity_poly.type   'polypeptide(L)'
_entity_poly.pdbx_seq_one_letter_code
;G(MSE)NNIIVG(MSE)GEALWDVLPEGKKIGGAPANFAYHVSQFGFDSRVVSAVGNDELGDEI(MSE)EVFKEKQLKNQ
IERVDYPTGTVQVTLDDEGVPCYEIKEGVAWDNIPFTDELKRLALNTRAVCFGSLAQRNEVSRATINRFLDT(MSE)PDI
DGQLKIFDINLRQDFYTKEVLRESFKRCNILKINDEELVTISR(MSE)FGYPGIDLQDKCWILLAKYNLK(MSE)LILTC
GINGSYVFTPGVVSFQETPKVPVADTVGAGDSFTAAFCASILNGKSVPEAHKLAVEVSAYVCTQSGA(MSE)PELPVILK
DRLL
;
_entity_poly.pdbx_strand_id   A
#
# COMPACT_ATOMS: atom_id res chain seq x y z
N ASN A 3 -19.35 1.67 -8.26
CA ASN A 3 -18.45 2.79 -8.65
C ASN A 3 -17.07 2.19 -8.74
N ASN A 4 -15.99 2.94 -8.96
CA ASN A 4 -15.22 2.91 -10.23
C ASN A 4 -13.73 3.28 -9.87
N ILE A 5 -13.57 4.20 -8.92
CA ILE A 5 -12.26 4.79 -8.60
C ILE A 5 -11.46 3.94 -7.59
N ILE A 6 -10.16 3.81 -7.82
CA ILE A 6 -9.26 3.10 -6.93
CA ILE A 6 -9.28 3.12 -6.88
C ILE A 6 -8.34 4.14 -6.24
N VAL A 7 -8.20 4.04 -4.93
CA VAL A 7 -7.49 5.05 -4.17
C VAL A 7 -6.28 4.48 -3.42
N GLY A 8 -5.12 5.13 -3.56
CA GLY A 8 -3.99 4.89 -2.66
C GLY A 8 -3.92 6.07 -1.70
N GLY A 10 -2.29 7.81 1.95
CA GLY A 10 -1.26 7.87 2.97
C GLY A 10 -0.16 8.86 2.64
N GLU A 11 1.06 8.44 2.93
CA GLU A 11 2.26 9.27 2.79
C GLU A 11 2.64 9.52 1.34
N ALA A 12 3.18 10.72 1.11
CA ALA A 12 3.84 11.09 -0.15
C ALA A 12 4.98 11.99 0.28
N LEU A 13 6.21 11.66 -0.13
CA LEU A 13 7.38 12.27 0.49
C LEU A 13 8.61 12.21 -0.41
N TRP A 14 9.68 12.86 0.03
CA TRP A 14 10.97 12.75 -0.65
C TRP A 14 11.92 11.89 0.17
N ASP A 15 12.41 10.82 -0.43
CA ASP A 15 13.55 10.10 0.09
C ASP A 15 14.81 10.89 -0.31
N VAL A 16 15.41 11.55 0.68
CA VAL A 16 16.53 12.46 0.40
C VAL A 16 17.82 11.72 0.77
N LEU A 17 18.42 11.11 -0.25
CA LEU A 17 19.67 10.37 -0.14
C LEU A 17 20.86 11.31 -0.34
N PRO A 18 22.05 10.92 0.16
CA PRO A 18 23.23 11.77 -0.13
C PRO A 18 23.42 12.03 -1.64
N GLU A 19 23.10 11.03 -2.47
CA GLU A 19 23.27 11.11 -3.92
C GLU A 19 22.20 11.93 -4.64
N GLY A 20 21.28 12.52 -3.88
CA GLY A 20 20.14 13.27 -4.44
C GLY A 20 18.86 12.77 -3.80
N LYS A 21 17.72 13.25 -4.29
CA LYS A 21 16.42 12.89 -3.71
C LYS A 21 15.57 12.14 -4.71
N LYS A 22 14.66 11.34 -4.19
CA LYS A 22 13.75 10.52 -4.99
C LYS A 22 12.38 10.53 -4.31
N ILE A 23 11.32 10.50 -5.11
CA ILE A 23 9.97 10.46 -4.60
C ILE A 23 9.76 9.11 -3.91
N GLY A 24 9.03 9.12 -2.80
CA GLY A 24 8.63 7.89 -2.11
C GLY A 24 7.18 7.94 -1.60
N GLY A 25 6.66 6.77 -1.21
CA GLY A 25 5.28 6.67 -0.74
C GLY A 25 4.58 5.48 -1.33
N ALA A 26 4.20 4.53 -0.48
CA ALA A 26 3.44 3.38 -0.97
C ALA A 26 2.13 3.76 -1.68
N PRO A 27 1.40 4.80 -1.21
CA PRO A 27 0.16 5.24 -1.95
C PRO A 27 0.27 5.55 -3.41
N ALA A 28 1.21 6.43 -3.79
CA ALA A 28 1.36 6.80 -5.18
C ALA A 28 1.76 5.58 -6.00
N ASN A 29 2.66 4.77 -5.43
CA ASN A 29 3.14 3.58 -6.16
C ASN A 29 1.96 2.66 -6.45
N PHE A 30 1.09 2.42 -5.46
CA PHE A 30 -0.10 1.56 -5.67
C PHE A 30 -1.04 2.14 -6.72
N ALA A 31 -1.33 3.45 -6.62
CA ALA A 31 -2.17 4.18 -7.58
C ALA A 31 -1.59 4.09 -9.00
N TYR A 32 -0.27 4.25 -9.08
CA TYR A 32 0.37 4.17 -10.36
C TYR A 32 0.17 2.79 -11.01
N HIS A 33 0.51 1.75 -10.26
CA HIS A 33 0.52 0.40 -10.83
C HIS A 33 -0.89 -0.10 -11.17
N VAL A 34 -1.89 0.29 -10.38
CA VAL A 34 -3.24 -0.13 -10.66
CA VAL A 34 -3.28 -0.08 -10.63
C VAL A 34 -3.74 0.58 -11.95
N SER A 35 -3.28 1.80 -12.19
CA SER A 35 -3.63 2.52 -13.41
C SER A 35 -2.95 1.91 -14.66
N GLN A 36 -1.80 1.25 -14.46
CA GLN A 36 -1.19 0.45 -15.55
C GLN A 36 -2.08 -0.69 -16.06
N PHE A 37 -2.99 -1.15 -15.18
CA PHE A 37 -3.96 -2.21 -15.50
C PHE A 37 -5.34 -1.68 -15.87
N GLY A 38 -5.38 -0.39 -16.21
CA GLY A 38 -6.53 0.24 -16.80
C GLY A 38 -7.53 0.80 -15.82
N PHE A 39 -7.18 0.85 -14.55
CA PHE A 39 -8.10 1.36 -13.54
C PHE A 39 -7.92 2.89 -13.41
N ASP A 40 -9.00 3.55 -13.04
CA ASP A 40 -8.96 4.99 -12.77
C ASP A 40 -8.57 5.17 -11.28
N SER A 41 -7.39 5.71 -11.04
CA SER A 41 -6.80 5.74 -9.70
C SER A 41 -6.60 7.18 -9.20
N ARG A 42 -6.56 7.34 -7.88
CA ARG A 42 -6.25 8.62 -7.26
C ARG A 42 -5.28 8.41 -6.12
N VAL A 43 -4.25 9.25 -6.06
CA VAL A 43 -3.46 9.37 -4.83
C VAL A 43 -4.16 10.38 -3.88
N VAL A 44 -4.37 9.96 -2.64
CA VAL A 44 -4.90 10.81 -1.58
C VAL A 44 -3.77 11.00 -0.54
N SER A 45 -3.26 12.22 -0.44
CA SER A 45 -2.22 12.57 0.52
C SER A 45 -2.31 14.09 0.75
N ALA A 46 -1.24 14.66 1.29
CA ALA A 46 -1.11 16.11 1.44
C ALA A 46 0.36 16.44 1.35
N VAL A 47 0.62 17.63 0.84
CA VAL A 47 1.94 18.22 0.75
C VAL A 47 1.86 19.67 1.23
N GLY A 48 3.03 20.28 1.41
CA GLY A 48 3.17 21.65 1.85
C GLY A 48 3.10 22.63 0.69
N ASN A 49 2.89 23.89 1.04
CA ASN A 49 3.04 25.01 0.09
C ASN A 49 4.51 25.37 0.08
N ASP A 50 5.30 24.51 -0.55
CA ASP A 50 6.75 24.63 -0.59
C ASP A 50 7.30 23.97 -1.86
N GLU A 51 8.60 24.17 -2.11
CA GLU A 51 9.21 23.74 -3.37
C GLU A 51 9.13 22.22 -3.54
N LEU A 52 9.43 21.49 -2.48
CA LEU A 52 9.28 20.03 -2.47
C LEU A 52 7.84 19.57 -2.80
N GLY A 53 6.85 20.31 -2.32
CA GLY A 53 5.43 19.98 -2.61
C GLY A 53 5.08 20.23 -4.06
N ASP A 54 5.50 21.39 -4.58
CA ASP A 54 5.34 21.72 -5.99
C ASP A 54 6.00 20.62 -6.85
N GLU A 55 7.23 20.26 -6.47
CA GLU A 55 7.98 19.24 -7.19
C GLU A 55 7.25 17.93 -7.25
N ILE A 56 6.68 17.50 -6.11
CA ILE A 56 5.88 16.27 -6.09
C ILE A 56 4.73 16.31 -7.06
N GLU A 58 4.42 18.16 -9.71
CA GLU A 58 4.90 18.13 -11.10
C GLU A 58 5.24 16.72 -11.56
N VAL A 59 6.00 16.00 -10.75
CA VAL A 59 6.28 14.58 -11.03
C VAL A 59 5.01 13.76 -11.30
N PHE A 60 3.98 13.95 -10.48
CA PHE A 60 2.72 13.23 -10.66
C PHE A 60 2.01 13.63 -11.93
N LYS A 61 2.08 14.92 -12.25
CA LYS A 61 1.61 15.43 -13.54
C LYS A 61 2.36 14.71 -14.66
N GLU A 62 3.68 14.74 -14.62
CA GLU A 62 4.51 14.04 -15.60
C GLU A 62 4.12 12.57 -15.75
N LYS A 63 3.93 11.85 -14.63
CA LYS A 63 3.55 10.43 -14.67
C LYS A 63 2.07 10.22 -15.03
N GLN A 64 1.35 11.33 -15.18
CA GLN A 64 -0.09 11.33 -15.44
C GLN A 64 -0.88 10.63 -14.32
N LEU A 65 -0.40 10.86 -13.10
CA LEU A 65 -0.95 10.22 -11.93
C LEU A 65 -1.96 11.16 -11.27
N LYS A 66 -3.23 10.81 -11.40
CA LYS A 66 -4.33 11.66 -10.92
C LYS A 66 -4.40 11.58 -9.40
N ASN A 67 -4.90 12.66 -8.78
CA ASN A 67 -4.80 12.77 -7.32
C ASN A 67 -5.78 13.74 -6.74
N GLN A 68 -5.99 13.59 -5.43
CA GLN A 68 -6.70 14.52 -4.62
C GLN A 68 -5.79 14.87 -3.44
N ILE A 69 -4.71 15.58 -3.74
CA ILE A 69 -3.76 15.97 -2.73
C ILE A 69 -4.06 17.43 -2.37
N GLU A 70 -4.28 17.66 -1.08
CA GLU A 70 -4.43 19.00 -0.51
C GLU A 70 -3.08 19.55 -0.07
N ARG A 71 -3.03 20.88 -0.12
CA ARG A 71 -1.93 21.66 0.46
C ARG A 71 -2.31 21.96 1.90
N VAL A 72 -1.36 21.77 2.81
CA VAL A 72 -1.57 21.99 4.23
C VAL A 72 -0.38 22.80 4.81
N ASP A 73 -0.61 23.37 5.98
CA ASP A 73 0.38 24.26 6.63
C ASP A 73 1.48 23.50 7.40
N TYR A 74 2.05 22.48 6.76
CA TYR A 74 3.16 21.66 7.31
C TYR A 74 4.12 21.37 6.17
N PRO A 75 5.43 21.22 6.46
CA PRO A 75 6.33 20.89 5.37
C PRO A 75 6.04 19.58 4.63
N THR A 76 6.29 19.57 3.33
CA THR A 76 6.23 18.36 2.56
C THR A 76 7.15 17.30 3.20
N GLY A 77 6.65 16.08 3.26
CA GLY A 77 7.33 15.04 4.01
C GLY A 77 8.64 14.64 3.33
N THR A 78 9.61 14.28 4.15
CA THR A 78 10.88 13.71 3.68
C THR A 78 11.32 12.52 4.55
N VAL A 79 12.12 11.64 3.97
CA VAL A 79 12.91 10.63 4.69
C VAL A 79 14.39 10.99 4.46
N GLN A 80 15.08 11.39 5.52
CA GLN A 80 16.52 11.66 5.44
C GLN A 80 17.25 10.32 5.52
N VAL A 81 17.94 9.97 4.44
CA VAL A 81 18.60 8.67 4.33
C VAL A 81 20.13 8.78 4.55
N THR A 82 20.64 7.93 5.45
CA THR A 82 22.07 7.95 5.86
C THR A 82 22.67 6.54 5.79
N PRO A 89 22.42 2.78 5.49
CA PRO A 89 21.17 2.01 5.47
C PRO A 89 20.17 2.46 6.56
N CYS A 90 20.08 3.76 6.80
CA CYS A 90 19.26 4.26 7.91
CA CYS A 90 19.31 4.31 7.92
C CYS A 90 18.35 5.45 7.52
N TYR A 91 17.15 5.43 8.09
CA TYR A 91 16.05 6.29 7.66
C TYR A 91 15.48 7.16 8.77
N GLU A 92 15.56 8.49 8.60
CA GLU A 92 14.81 9.43 9.45
C GLU A 92 13.50 9.88 8.76
N ILE A 93 12.37 9.41 9.28
CA ILE A 93 11.04 9.74 8.70
C ILE A 93 10.56 11.00 9.41
N LYS A 94 10.92 12.17 8.86
CA LYS A 94 10.61 13.48 9.45
CA LYS A 94 10.62 13.47 9.47
C LYS A 94 9.16 13.54 9.94
N GLU A 95 8.95 14.09 11.12
CA GLU A 95 7.68 14.14 11.78
C GLU A 95 7.07 15.55 11.71
N GLY A 96 5.77 15.64 11.97
CA GLY A 96 5.05 16.90 11.90
C GLY A 96 4.97 17.43 10.48
N VAL A 97 4.75 16.51 9.53
CA VAL A 97 4.82 16.84 8.13
C VAL A 97 3.42 16.82 7.49
N ALA A 98 3.36 17.24 6.22
CA ALA A 98 2.09 17.43 5.52
C ALA A 98 1.24 16.14 5.51
N TRP A 99 1.89 14.99 5.23
CA TRP A 99 1.14 13.74 5.15
C TRP A 99 0.62 13.21 6.50
N ASP A 100 1.08 13.80 7.61
CA ASP A 100 0.53 13.58 8.97
C ASP A 100 -0.75 14.39 9.20
N ASN A 101 -1.10 15.27 8.26
CA ASN A 101 -2.18 16.23 8.42
C ASN A 101 -3.12 16.27 7.21
N ILE A 102 -3.42 15.09 6.66
CA ILE A 102 -4.36 14.99 5.55
C ILE A 102 -5.75 15.36 6.09
N PRO A 103 -6.36 16.41 5.52
CA PRO A 103 -7.68 16.87 6.03
C PRO A 103 -8.85 16.04 5.46
N PHE A 104 -9.87 15.79 6.27
CA PHE A 104 -11.12 15.17 5.79
C PHE A 104 -12.11 16.24 5.30
N THR A 105 -12.07 16.48 3.99
CA THR A 105 -12.82 17.52 3.35
C THR A 105 -14.15 16.98 2.83
N ASP A 106 -15.05 17.90 2.49
CA ASP A 106 -16.28 17.53 1.78
C ASP A 106 -15.96 16.71 0.51
N GLU A 107 -14.91 17.08 -0.21
CA GLU A 107 -14.57 16.43 -1.45
C GLU A 107 -14.06 15.00 -1.19
N LEU A 108 -13.28 14.86 -0.13
CA LEU A 108 -12.78 13.54 0.26
C LEU A 108 -13.91 12.64 0.68
N LYS A 109 -14.89 13.17 1.42
CA LYS A 109 -16.12 12.42 1.75
C LYS A 109 -16.80 11.86 0.48
N ARG A 110 -16.95 12.71 -0.53
CA ARG A 110 -17.55 12.30 -1.80
C ARG A 110 -16.70 11.23 -2.52
N LEU A 111 -15.36 11.38 -2.47
CA LEU A 111 -14.46 10.41 -3.06
C LEU A 111 -14.65 9.05 -2.41
N ALA A 112 -14.71 9.02 -1.08
CA ALA A 112 -14.92 7.75 -0.33
C ALA A 112 -16.17 7.03 -0.75
N LEU A 113 -17.25 7.79 -0.93
CA LEU A 113 -18.54 7.24 -1.35
C LEU A 113 -18.47 6.61 -2.74
N ASN A 114 -17.55 7.08 -3.56
CA ASN A 114 -17.41 6.60 -4.93
C ASN A 114 -16.22 5.67 -5.19
N THR A 115 -15.61 5.15 -4.12
CA THR A 115 -14.37 4.38 -4.26
C THR A 115 -14.68 2.89 -4.29
N ARG A 116 -14.05 2.21 -5.25
CA ARG A 116 -14.21 0.77 -5.44
C ARG A 116 -13.19 -0.07 -4.63
N ALA A 117 -11.97 0.43 -4.53
CA ALA A 117 -10.89 -0.23 -3.81
C ALA A 117 -9.98 0.84 -3.25
N VAL A 118 -9.54 0.62 -2.03
CA VAL A 118 -8.54 1.50 -1.39
C VAL A 118 -7.43 0.67 -0.80
N CYS A 119 -6.21 1.22 -0.79
CA CYS A 119 -5.10 0.61 -0.07
C CYS A 119 -4.55 1.69 0.90
N PHE A 120 -4.35 1.28 2.15
CA PHE A 120 -3.82 2.13 3.17
C PHE A 120 -2.84 1.32 4.05
N GLY A 121 -1.99 2.05 4.76
CA GLY A 121 -0.93 1.46 5.61
C GLY A 121 -1.02 1.99 7.05
N SER A 122 -0.01 1.66 7.83
CA SER A 122 0.00 1.97 9.27
C SER A 122 0.68 3.31 9.52
N LEU A 123 1.70 3.61 8.72
CA LEU A 123 2.60 4.73 8.96
C LEU A 123 1.83 6.02 8.96
N ALA A 124 0.93 6.17 8.00
CA ALA A 124 0.16 7.42 7.84
C ALA A 124 -0.91 7.63 8.93
N GLN A 125 -1.13 6.63 9.77
CA GLN A 125 -1.96 6.75 10.96
C GLN A 125 -1.19 7.13 12.27
N ARG A 126 0.09 7.44 12.18
CA ARG A 126 0.84 7.78 13.43
C ARG A 126 0.36 9.04 14.12
N ASN A 127 -0.12 10.02 13.35
CA ASN A 127 -0.58 11.29 13.85
C ASN A 127 -2.11 11.29 13.88
N GLU A 128 -2.68 11.92 14.90
CA GLU A 128 -4.14 11.93 15.08
C GLU A 128 -4.94 12.48 13.90
N VAL A 129 -4.42 13.51 13.22
CA VAL A 129 -5.14 14.16 12.10
C VAL A 129 -5.31 13.20 10.91
N SER A 130 -4.22 12.70 10.33
CA SER A 130 -4.31 11.71 9.25
C SER A 130 -4.98 10.42 9.67
N ARG A 131 -4.74 9.98 10.90
CA ARG A 131 -5.42 8.79 11.42
C ARG A 131 -6.93 8.97 11.36
N ALA A 132 -7.42 10.10 11.85
CA ALA A 132 -8.85 10.37 11.85
C ALA A 132 -9.46 10.43 10.43
N THR A 133 -8.72 11.05 9.52
CA THR A 133 -9.09 11.17 8.11
C THR A 133 -9.15 9.82 7.42
N ILE A 134 -8.11 9.03 7.61
CA ILE A 134 -8.10 7.69 7.07
C ILE A 134 -9.29 6.84 7.55
N ASN A 135 -9.54 6.86 8.86
CA ASN A 135 -10.62 6.08 9.43
C ASN A 135 -12.01 6.54 9.00
N ARG A 136 -12.21 7.85 8.90
CA ARG A 136 -13.44 8.40 8.38
C ARG A 136 -13.64 8.07 6.88
N PHE A 137 -12.59 8.17 6.09
CA PHE A 137 -12.66 7.69 4.71
C PHE A 137 -13.16 6.23 4.63
N LEU A 138 -12.48 5.33 5.35
CA LEU A 138 -12.86 3.93 5.37
C LEU A 138 -14.30 3.69 5.86
N ASP A 139 -14.70 4.36 6.95
CA ASP A 139 -16.03 4.18 7.51
C ASP A 139 -17.12 4.73 6.55
N THR A 140 -16.78 5.73 5.73
CA THR A 140 -17.68 6.29 4.73
C THR A 140 -17.82 5.42 3.51
N PRO A 142 -18.35 2.46 1.04
CA PRO A 142 -19.18 1.24 1.09
C PRO A 142 -18.36 0.00 0.91
N ASP A 143 -18.83 -1.11 1.47
CA ASP A 143 -18.15 -2.39 1.19
C ASP A 143 -19.11 -3.56 0.93
N ILE A 144 -20.39 -3.29 0.82
CA ILE A 144 -21.35 -4.40 0.68
C ILE A 144 -21.41 -4.97 -0.73
N ASP A 145 -20.66 -4.41 -1.65
CA ASP A 145 -20.75 -4.89 -3.04
C ASP A 145 -19.42 -5.39 -3.60
N GLY A 146 -18.64 -6.05 -2.77
CA GLY A 146 -17.35 -6.56 -3.19
C GLY A 146 -16.21 -5.56 -3.20
N GLN A 147 -16.40 -4.35 -2.66
CA GLN A 147 -15.31 -3.35 -2.63
C GLN A 147 -14.15 -3.87 -1.76
N LEU A 148 -12.94 -3.48 -2.13
CA LEU A 148 -11.74 -3.96 -1.44
C LEU A 148 -11.16 -2.89 -0.57
N LYS A 149 -10.91 -3.24 0.69
CA LYS A 149 -10.21 -2.34 1.63
C LYS A 149 -8.96 -3.05 2.14
N ILE A 150 -7.85 -2.67 1.49
CA ILE A 150 -6.55 -3.32 1.60
C ILE A 150 -5.63 -2.61 2.57
N PHE A 151 -5.37 -3.29 3.68
CA PHE A 151 -4.40 -2.81 4.68
C PHE A 151 -3.05 -3.47 4.35
N ASP A 152 -2.18 -2.70 3.71
CA ASP A 152 -0.81 -3.08 3.38
C ASP A 152 -0.02 -2.55 4.57
N ILE A 153 0.07 -3.38 5.63
CA ILE A 153 0.41 -2.91 6.99
C ILE A 153 1.74 -2.16 7.05
N ASN A 154 2.75 -2.64 6.32
CA ASN A 154 3.98 -1.90 6.15
CA ASN A 154 4.04 -1.95 6.16
C ASN A 154 4.50 -1.22 7.44
N LEU A 155 4.89 -2.00 8.45
CA LEU A 155 5.35 -1.44 9.70
C LEU A 155 6.67 -0.74 9.50
N ARG A 156 6.77 0.50 9.98
CA ARG A 156 7.97 1.30 9.83
C ARG A 156 8.46 1.75 11.18
N GLN A 157 9.69 1.36 11.47
CA GLN A 157 10.40 1.73 12.67
C GLN A 157 9.51 1.37 13.84
N ASP A 158 9.19 2.32 14.73
CA ASP A 158 8.22 2.00 15.76
C ASP A 158 6.97 2.83 15.70
N PHE A 159 6.61 3.24 14.47
CA PHE A 159 5.45 4.08 14.25
C PHE A 159 4.17 3.25 14.11
N TYR A 160 3.78 2.60 15.20
CA TYR A 160 2.53 1.81 15.25
C TYR A 160 2.22 1.51 16.72
N THR A 161 0.93 1.42 17.02
CA THR A 161 0.42 1.00 18.32
C THR A 161 -0.52 -0.17 18.10
N LYS A 162 -0.76 -0.92 19.19
CA LYS A 162 -1.71 -2.00 19.16
C LYS A 162 -3.12 -1.54 18.70
N GLU A 163 -3.59 -0.41 19.21
CA GLU A 163 -4.94 0.09 18.87
C GLU A 163 -5.04 0.47 17.39
N VAL A 164 -4.05 1.17 16.84
CA VAL A 164 -4.01 1.45 15.39
C VAL A 164 -4.09 0.15 14.56
N LEU A 165 -3.36 -0.87 14.97
CA LEU A 165 -3.36 -2.08 14.18
C LEU A 165 -4.71 -2.80 14.28
N ARG A 166 -5.21 -2.90 15.51
CA ARG A 166 -6.47 -3.61 15.76
C ARG A 166 -7.66 -2.93 15.00
N GLU A 167 -7.73 -1.62 15.03
CA GLU A 167 -8.82 -0.88 14.36
CA GLU A 167 -8.84 -0.93 14.38
C GLU A 167 -8.71 -1.02 12.85
N SER A 168 -7.48 -1.08 12.35
CA SER A 168 -7.25 -1.23 10.92
C SER A 168 -7.61 -2.64 10.45
N PHE A 169 -7.34 -3.65 11.27
CA PHE A 169 -7.70 -5.02 10.97
C PHE A 169 -9.23 -5.11 10.87
N LYS A 170 -9.91 -4.43 11.80
CA LYS A 170 -11.39 -4.35 11.81
C LYS A 170 -11.95 -3.68 10.53
N ARG A 171 -11.31 -2.62 10.05
CA ARG A 171 -11.80 -1.83 8.91
C ARG A 171 -11.48 -2.46 7.53
N CYS A 172 -10.43 -3.27 7.46
CA CYS A 172 -10.00 -3.80 6.16
C CYS A 172 -10.71 -5.08 5.86
N ASN A 173 -10.65 -5.49 4.60
CA ASN A 173 -11.05 -6.83 4.24
C ASN A 173 -9.99 -7.64 3.47
N ILE A 174 -8.83 -7.04 3.26
CA ILE A 174 -7.66 -7.75 2.75
C ILE A 174 -6.49 -7.24 3.60
N LEU A 175 -5.69 -8.16 4.14
CA LEU A 175 -4.43 -7.80 4.85
C LEU A 175 -3.25 -8.29 4.03
N LYS A 176 -2.25 -7.44 3.84
CA LYS A 176 -0.94 -7.80 3.31
C LYS A 176 0.16 -7.51 4.31
N ILE A 177 0.91 -8.56 4.63
CA ILE A 177 1.82 -8.59 5.76
C ILE A 177 3.04 -9.48 5.38
N ASN A 178 4.20 -9.14 5.91
CA ASN A 178 5.38 -9.97 5.71
C ASN A 178 5.60 -10.89 6.90
N ASP A 179 6.48 -11.89 6.74
CA ASP A 179 6.65 -12.87 7.80
C ASP A 179 7.25 -12.37 9.14
N GLU A 180 8.07 -11.35 9.09
CA GLU A 180 8.57 -10.73 10.30
C GLU A 180 7.50 -9.89 11.01
N GLU A 181 6.72 -9.14 10.24
CA GLU A 181 5.60 -8.34 10.79
C GLU A 181 4.57 -9.28 11.44
N LEU A 182 4.37 -10.44 10.82
CA LEU A 182 3.47 -11.46 11.38
C LEU A 182 3.97 -11.93 12.76
N VAL A 183 5.28 -12.15 12.91
CA VAL A 183 5.81 -12.46 14.21
C VAL A 183 5.47 -11.33 15.22
N THR A 184 5.75 -10.08 14.87
CA THR A 184 5.41 -8.92 15.72
C THR A 184 3.95 -8.84 16.18
N ILE A 185 3.03 -8.99 15.22
CA ILE A 185 1.57 -9.00 15.48
C ILE A 185 1.22 -10.11 16.45
N SER A 186 1.76 -11.30 16.18
CA SER A 186 1.50 -12.47 17.01
C SER A 186 1.95 -12.26 18.45
N ARG A 187 3.12 -11.65 18.63
CA ARG A 187 3.57 -11.23 19.96
C ARG A 187 2.61 -10.24 20.65
N PHE A 189 -0.51 -9.65 20.07
CA PHE A 189 -1.88 -10.16 20.28
C PHE A 189 -1.95 -11.55 20.93
N GLY A 190 -0.80 -12.06 21.36
CA GLY A 190 -0.77 -13.15 22.33
C GLY A 190 -0.81 -14.55 21.76
N TYR A 191 -0.24 -14.74 20.57
CA TYR A 191 -0.09 -16.10 20.02
C TYR A 191 1.26 -16.27 19.33
N PRO A 192 2.35 -15.85 20.00
CA PRO A 192 3.66 -15.91 19.35
C PRO A 192 4.20 -17.31 19.07
N GLY A 193 3.78 -18.29 19.87
CA GLY A 193 4.42 -19.61 19.87
C GLY A 193 3.89 -20.60 18.86
N ILE A 194 2.84 -20.21 18.15
CA ILE A 194 2.21 -21.14 17.20
C ILE A 194 2.84 -21.04 15.78
N ASP A 195 2.43 -21.98 14.95
CA ASP A 195 2.85 -22.14 13.58
C ASP A 195 2.51 -20.88 12.74
N LEU A 196 3.34 -20.56 11.76
CA LEU A 196 3.08 -19.45 10.83
C LEU A 196 1.65 -19.45 10.25
N GLN A 197 1.22 -20.59 9.69
CA GLN A 197 -0.08 -20.71 9.05
C GLN A 197 -1.19 -20.43 10.07
N ASP A 198 -1.04 -20.96 11.29
CA ASP A 198 -2.08 -20.80 12.34
C ASP A 198 -2.25 -19.32 12.71
N LYS A 199 -1.16 -18.54 12.68
CA LYS A 199 -1.22 -17.10 12.91
C LYS A 199 -2.07 -16.43 11.85
N CYS A 200 -1.92 -16.89 10.59
CA CYS A 200 -2.66 -16.37 9.45
C CYS A 200 -4.13 -16.76 9.53
N TRP A 201 -4.41 -18.00 9.97
CA TRP A 201 -5.76 -18.45 10.11
C TRP A 201 -6.52 -17.63 11.14
N ILE A 202 -5.87 -17.24 12.26
CA ILE A 202 -6.52 -16.43 13.29
C ILE A 202 -6.98 -15.13 12.68
N LEU A 203 -6.05 -14.46 12.02
CA LEU A 203 -6.35 -13.15 11.44
C LEU A 203 -7.45 -13.25 10.38
N LEU A 204 -7.40 -14.27 9.52
CA LEU A 204 -8.37 -14.46 8.43
C LEU A 204 -9.81 -14.54 9.00
N ALA A 205 -9.96 -15.36 10.05
CA ALA A 205 -11.28 -15.68 10.61
C ALA A 205 -11.73 -14.52 11.51
N LYS A 206 -10.86 -14.08 12.43
CA LYS A 206 -11.21 -13.06 13.44
C LYS A 206 -11.70 -11.78 12.78
N TYR A 207 -11.07 -11.39 11.67
CA TYR A 207 -11.40 -10.18 10.97
C TYR A 207 -12.20 -10.36 9.66
N ASN A 208 -12.71 -11.58 9.41
CA ASN A 208 -13.55 -11.84 8.23
C ASN A 208 -12.88 -11.28 6.95
N LEU A 209 -11.62 -11.63 6.74
CA LEU A 209 -10.86 -11.15 5.60
C LEU A 209 -11.25 -11.95 4.36
N LYS A 210 -11.34 -11.28 3.25
CA LYS A 210 -11.51 -11.97 1.97
C LYS A 210 -10.27 -12.78 1.70
N LEU A 212 -5.73 -13.04 2.98
CA LEU A 212 -4.56 -12.58 3.71
C LEU A 212 -3.35 -12.97 2.88
N ILE A 213 -2.57 -11.96 2.49
CA ILE A 213 -1.34 -12.11 1.72
C ILE A 213 -0.16 -12.03 2.65
N LEU A 214 0.62 -13.11 2.69
CA LEU A 214 1.82 -13.19 3.55
C LEU A 214 3.06 -13.28 2.66
N THR A 215 3.91 -12.26 2.71
CA THR A 215 5.15 -12.29 1.91
C THR A 215 6.34 -12.70 2.77
N CYS A 216 7.16 -13.56 2.21
CA CYS A 216 8.27 -14.14 2.94
C CYS A 216 9.60 -13.97 2.22
N GLY A 217 9.70 -12.91 1.42
CA GLY A 217 10.95 -12.54 0.73
C GLY A 217 11.46 -13.65 -0.16
N ILE A 218 12.72 -14.05 0.04
CA ILE A 218 13.27 -15.09 -0.78
C ILE A 218 12.55 -16.44 -0.61
N ASN A 219 11.78 -16.60 0.48
CA ASN A 219 11.06 -17.85 0.75
C ASN A 219 9.64 -17.92 0.17
N GLY A 220 9.31 -16.98 -0.71
CA GLY A 220 8.06 -17.03 -1.42
C GLY A 220 6.99 -16.15 -0.80
N SER A 221 5.75 -16.42 -1.19
CA SER A 221 4.59 -15.68 -0.72
C SER A 221 3.37 -16.59 -0.69
N TYR A 222 2.47 -16.32 0.26
CA TYR A 222 1.27 -17.06 0.48
C TYR A 222 0.04 -16.17 0.31
N VAL A 223 -1.04 -16.74 -0.23
CA VAL A 223 -2.36 -16.13 -0.10
C VAL A 223 -3.33 -17.13 0.53
N PHE A 224 -3.82 -16.75 1.71
CA PHE A 224 -4.81 -17.48 2.46
C PHE A 224 -6.23 -17.02 2.18
N THR A 225 -7.11 -17.99 1.89
CA THR A 225 -8.55 -17.77 1.86
C THR A 225 -9.16 -18.90 2.70
N PRO A 226 -10.45 -18.79 3.11
CA PRO A 226 -10.92 -19.86 4.00
C PRO A 226 -10.72 -21.28 3.45
N GLY A 227 -10.01 -22.11 4.21
CA GLY A 227 -9.68 -23.45 3.80
C GLY A 227 -8.72 -23.67 2.65
N VAL A 228 -8.09 -22.61 2.15
CA VAL A 228 -7.28 -22.70 0.93
C VAL A 228 -6.03 -21.86 1.05
N VAL A 229 -4.89 -22.43 0.64
CA VAL A 229 -3.64 -21.70 0.62
C VAL A 229 -3.08 -21.72 -0.82
N SER A 230 -2.71 -20.56 -1.32
CA SER A 230 -1.95 -20.42 -2.55
C SER A 230 -0.52 -20.05 -2.21
N PHE A 231 0.46 -20.76 -2.79
CA PHE A 231 1.86 -20.48 -2.57
C PHE A 231 2.63 -20.33 -3.85
N GLN A 232 3.47 -19.30 -3.91
CA GLN A 232 4.34 -19.05 -5.06
C GLN A 232 5.78 -18.77 -4.60
N GLU A 233 6.76 -19.41 -5.25
CA GLU A 233 8.18 -19.11 -5.02
C GLU A 233 8.46 -17.69 -5.52
N THR A 234 9.46 -17.02 -4.94
CA THR A 234 9.89 -15.72 -5.43
C THR A 234 10.94 -15.97 -6.52
N PRO A 235 10.71 -15.44 -7.73
CA PRO A 235 11.72 -15.63 -8.77
C PRO A 235 12.99 -14.85 -8.43
N LYS A 236 14.13 -15.45 -8.74
CA LYS A 236 15.42 -14.71 -8.71
C LYS A 236 15.58 -13.97 -10.04
N VAL A 237 15.65 -12.65 -9.96
CA VAL A 237 15.83 -11.80 -11.12
C VAL A 237 17.05 -10.91 -10.84
N PRO A 238 17.63 -10.31 -11.90
CA PRO A 238 18.71 -9.39 -11.66
C PRO A 238 18.14 -8.07 -11.13
N VAL A 239 18.32 -7.82 -9.84
CA VAL A 239 17.73 -6.65 -9.22
C VAL A 239 18.49 -5.39 -9.66
N ALA A 240 17.74 -4.40 -10.14
CA ALA A 240 18.26 -3.06 -10.25
C ALA A 240 17.98 -2.43 -8.90
N ASP A 241 16.71 -2.39 -8.51
CA ASP A 241 16.30 -1.76 -7.27
C ASP A 241 14.94 -2.34 -6.92
N THR A 242 14.73 -2.74 -5.66
CA THR A 242 13.44 -3.25 -5.24
C THR A 242 12.40 -2.17 -4.87
N VAL A 243 12.74 -0.87 -4.94
CA VAL A 243 11.74 0.15 -4.64
C VAL A 243 10.48 0.00 -5.50
N GLY A 244 9.32 0.11 -4.87
CA GLY A 244 8.03 0.01 -5.55
C GLY A 244 7.54 -1.41 -5.84
N ALA A 245 8.40 -2.41 -5.64
CA ALA A 245 8.01 -3.79 -6.07
C ALA A 245 6.85 -4.33 -5.22
N GLY A 246 6.93 -4.16 -3.90
CA GLY A 246 5.83 -4.59 -3.03
C GLY A 246 4.54 -3.88 -3.30
N ASP A 247 4.61 -2.58 -3.60
CA ASP A 247 3.36 -1.85 -3.97
C ASP A 247 2.77 -2.35 -5.31
N SER A 248 3.64 -2.67 -6.26
CA SER A 248 3.24 -3.17 -7.57
C SER A 248 2.59 -4.54 -7.40
N PHE A 249 3.07 -5.33 -6.43
CA PHE A 249 2.43 -6.61 -6.08
C PHE A 249 0.99 -6.37 -5.66
N THR A 250 0.82 -5.45 -4.70
CA THR A 250 -0.50 -5.16 -4.17
C THR A 250 -1.46 -4.64 -5.29
N ALA A 251 -0.94 -3.76 -6.13
CA ALA A 251 -1.68 -3.15 -7.24
C ALA A 251 -2.13 -4.25 -8.23
N ALA A 252 -1.21 -5.13 -8.59
CA ALA A 252 -1.52 -6.20 -9.57
C ALA A 252 -2.54 -7.20 -8.99
N PHE A 253 -2.39 -7.53 -7.71
CA PHE A 253 -3.32 -8.42 -7.00
C PHE A 253 -4.72 -7.81 -6.95
N CYS A 254 -4.80 -6.56 -6.53
CA CYS A 254 -6.03 -5.79 -6.56
C CYS A 254 -6.70 -5.76 -7.95
N ALA A 255 -5.93 -5.37 -8.98
CA ALA A 255 -6.42 -5.31 -10.35
C ALA A 255 -7.02 -6.65 -10.80
N SER A 256 -6.31 -7.73 -10.47
CA SER A 256 -6.71 -9.07 -10.85
C SER A 256 -7.99 -9.49 -10.19
N ILE A 257 -8.06 -9.28 -8.86
CA ILE A 257 -9.27 -9.63 -8.15
C ILE A 257 -10.49 -8.83 -8.67
N LEU A 258 -10.31 -7.53 -8.91
CA LEU A 258 -11.42 -6.73 -9.39
C LEU A 258 -11.83 -7.14 -10.80
N ASN A 259 -10.88 -7.60 -11.60
CA ASN A 259 -11.12 -8.13 -12.93
C ASN A 259 -11.85 -9.49 -12.96
N GLY A 260 -12.00 -10.15 -11.81
CA GLY A 260 -12.70 -11.43 -11.73
C GLY A 260 -11.79 -12.64 -11.77
N LYS A 261 -10.49 -12.42 -11.65
CA LYS A 261 -9.54 -13.54 -11.63
C LYS A 261 -9.59 -14.34 -10.35
N SER A 262 -9.16 -15.61 -10.44
CA SER A 262 -9.08 -16.43 -9.23
C SER A 262 -7.91 -15.95 -8.39
N VAL A 263 -7.87 -16.41 -7.15
CA VAL A 263 -6.78 -16.08 -6.23
C VAL A 263 -5.43 -16.58 -6.77
N PRO A 264 -5.32 -17.86 -7.19
CA PRO A 264 -4.06 -18.28 -7.78
C PRO A 264 -3.57 -17.49 -9.00
N GLU A 265 -4.49 -17.07 -9.86
CA GLU A 265 -4.17 -16.23 -11.00
C GLU A 265 -3.69 -14.83 -10.55
N ALA A 266 -4.43 -14.23 -9.64
CA ALA A 266 -4.02 -12.95 -9.05
C ALA A 266 -2.62 -13.01 -8.41
N HIS A 267 -2.38 -14.07 -7.62
CA HIS A 267 -1.13 -14.27 -6.92
C HIS A 267 0.03 -14.35 -7.93
N LYS A 268 -0.14 -15.18 -8.96
CA LYS A 268 0.88 -15.32 -10.02
C LYS A 268 1.22 -13.99 -10.71
N LEU A 269 0.20 -13.23 -11.10
CA LEU A 269 0.41 -11.97 -11.78
C LEU A 269 1.15 -11.02 -10.86
N ALA A 270 0.71 -10.95 -9.58
CA ALA A 270 1.35 -10.09 -8.59
C ALA A 270 2.85 -10.39 -8.44
N VAL A 271 3.18 -11.68 -8.37
CA VAL A 271 4.60 -12.09 -8.31
C VAL A 271 5.43 -11.66 -9.52
N GLU A 272 4.86 -11.87 -10.72
CA GLU A 272 5.54 -11.54 -11.97
C GLU A 272 5.73 -10.02 -12.13
N VAL A 273 4.73 -9.26 -11.70
CA VAL A 273 4.78 -7.77 -11.77
C VAL A 273 5.87 -7.22 -10.84
N SER A 274 5.90 -7.74 -9.60
CA SER A 274 6.92 -7.39 -8.60
C SER A 274 8.31 -7.70 -9.10
N ALA A 275 8.44 -8.89 -9.69
CA ALA A 275 9.76 -9.34 -10.26
C ALA A 275 10.23 -8.40 -11.37
N TYR A 276 9.32 -8.02 -12.26
CA TYR A 276 9.66 -7.07 -13.29
C TYR A 276 10.08 -5.70 -12.70
N VAL A 277 9.33 -5.21 -11.73
CA VAL A 277 9.60 -3.87 -11.13
C VAL A 277 10.99 -3.88 -10.48
N CYS A 278 11.36 -5.02 -9.89
CA CYS A 278 12.73 -5.17 -9.30
C CYS A 278 13.85 -5.05 -10.31
N THR A 279 13.56 -5.33 -11.59
CA THR A 279 14.55 -5.23 -12.65
C THR A 279 14.79 -3.78 -13.13
N GLN A 280 13.97 -2.83 -12.66
CA GLN A 280 13.97 -1.45 -13.13
C GLN A 280 14.46 -0.54 -11.99
N SER A 281 15.04 0.60 -12.36
CA SER A 281 15.66 1.50 -11.40
CA SER A 281 15.66 1.45 -11.37
C SER A 281 14.62 2.24 -10.55
N GLY A 282 13.56 2.72 -11.20
CA GLY A 282 12.54 3.46 -10.47
C GLY A 282 11.36 2.65 -9.93
N ALA A 283 10.54 3.29 -9.10
CA ALA A 283 9.35 2.68 -8.45
C ALA A 283 8.13 2.56 -9.40
N PRO A 285 7.95 2.09 -13.10
CA PRO A 285 8.27 1.80 -14.48
C PRO A 285 7.00 1.46 -15.22
N GLU A 286 6.95 1.77 -16.52
CA GLU A 286 5.84 1.26 -17.31
C GLU A 286 5.89 -0.28 -17.32
N LEU A 287 4.74 -0.92 -17.10
CA LEU A 287 4.68 -2.38 -17.06
C LEU A 287 4.61 -2.98 -18.48
N PRO A 288 5.19 -4.18 -18.68
CA PRO A 288 5.18 -4.83 -19.97
C PRO A 288 3.75 -5.14 -20.43
N VAL A 289 3.52 -4.95 -21.72
CA VAL A 289 2.20 -5.18 -22.29
C VAL A 289 1.77 -6.66 -22.11
N ILE A 290 2.71 -7.59 -22.12
CA ILE A 290 2.34 -9.00 -21.95
C ILE A 290 1.82 -9.31 -20.57
N LEU A 291 2.28 -8.57 -19.55
CA LEU A 291 1.68 -8.65 -18.23
C LEU A 291 0.29 -7.96 -18.18
N LYS A 292 0.15 -6.80 -18.85
CA LYS A 292 -1.16 -6.16 -18.95
C LYS A 292 -2.21 -7.06 -19.65
N ASP A 293 -1.74 -7.83 -20.64
CA ASP A 293 -2.61 -8.78 -21.37
C ASP A 293 -3.28 -9.84 -20.47
N ARG A 294 -2.67 -10.09 -19.32
CA ARG A 294 -3.19 -11.08 -18.39
C ARG A 294 -4.62 -10.77 -17.87
N LEU A 295 -5.07 -9.52 -17.94
CA LEU A 295 -6.43 -9.17 -17.55
C LEU A 295 -7.47 -9.14 -18.69
N LEU A 296 -7.08 -9.59 -19.88
CA LEU A 296 -8.00 -9.65 -21.01
C LEU A 296 -9.13 -10.69 -20.78
#